data_1H1O
#
_entry.id   1H1O
#
_cell.length_a   100.049
_cell.length_b   100.049
_cell.length_c   149.668
_cell.angle_alpha   90.00
_cell.angle_beta   90.00
_cell.angle_gamma   120.00
#
_symmetry.space_group_name_H-M   'P 64 2 2'
#
loop_
_entity.id
_entity.type
_entity.pdbx_description
1 polymer 'CYTOCHROME C-552'
2 non-polymer 'PROTOPORPHYRIN IX CONTAINING FE'
3 non-polymer 'SULFATE ION'
4 non-polymer 'ZINC ION'
5 non-polymer GLYCEROL
6 water water
#
_entity_poly.entity_id   1
_entity_poly.type   'polypeptide(L)'
_entity_poly.pdbx_seq_one_letter_code
;VGSADAPAPYRVSSDCMVCHGMTGRDTLYPIVPRLAGQHKSYMEAQLKAYKDHSRADQNGEIYMWPVAQALDSAKITALA
DYFNAQKPPMQSSGIKHAGAKEGKAIFNQGVTNEQIPACMECHGSDGQGAGPFPRLAGQRYGYIIQQLTYFHNGTRVNTL
MNQIAKNITVAQMKDVAAYLSSL
;
_entity_poly.pdbx_strand_id   A,B
#
loop_
_chem_comp.id
_chem_comp.type
_chem_comp.name
_chem_comp.formula
GOL non-polymer GLYCEROL 'C3 H8 O3'
HEM non-polymer 'PROTOPORPHYRIN IX CONTAINING FE' 'C34 H32 Fe N4 O4'
SO4 non-polymer 'SULFATE ION' 'O4 S -2'
ZN non-polymer 'ZINC ION' 'Zn 2'
#
# COMPACT_ATOMS: atom_id res chain seq x y z
N VAL A 12 -29.46 11.42 -13.40
CA VAL A 12 -30.48 10.99 -12.41
C VAL A 12 -29.86 10.38 -11.16
N SER A 13 -29.31 11.22 -10.28
CA SER A 13 -28.68 10.76 -9.05
C SER A 13 -29.67 9.91 -8.25
N SER A 14 -30.96 10.03 -8.56
CA SER A 14 -31.97 9.24 -7.86
C SER A 14 -32.01 7.83 -8.44
N ASP A 15 -30.84 7.45 -8.97
CA ASP A 15 -30.59 6.13 -9.53
C ASP A 15 -29.57 5.63 -8.49
N CYS A 16 -29.18 6.53 -7.60
CA CYS A 16 -28.20 6.23 -6.55
C CYS A 16 -28.68 6.48 -5.15
N MET A 17 -29.26 7.66 -4.96
CA MET A 17 -29.69 8.10 -3.66
C MET A 17 -30.72 7.23 -2.97
N VAL A 18 -31.38 6.36 -3.70
CA VAL A 18 -32.34 5.48 -3.03
C VAL A 18 -31.52 4.73 -1.99
N CYS A 19 -30.36 4.25 -2.40
CA CYS A 19 -29.50 3.50 -1.49
C CYS A 19 -28.44 4.30 -0.77
N HIS A 20 -27.73 5.16 -1.52
CA HIS A 20 -26.66 5.96 -0.94
C HIS A 20 -27.15 7.13 -0.12
N GLY A 21 -28.45 7.18 0.07
CA GLY A 21 -29.01 8.25 0.87
C GLY A 21 -28.91 9.59 0.19
N MET A 22 -29.29 10.60 0.95
CA MET A 22 -29.34 11.96 0.46
C MET A 22 -28.91 12.89 1.58
N THR A 23 -28.59 14.12 1.21
CA THR A 23 -28.16 15.13 2.17
C THR A 23 -28.69 14.95 3.60
N GLY A 24 -29.98 14.61 3.73
CA GLY A 24 -30.56 14.43 5.06
C GLY A 24 -30.73 12.98 5.49
N ARG A 25 -30.53 12.05 4.57
CA ARG A 25 -30.69 10.63 4.91
C ARG A 25 -29.42 9.82 4.61
N ASP A 26 -28.97 9.06 5.61
CA ASP A 26 -27.77 8.23 5.47
C ASP A 26 -28.02 7.21 4.33
N THR A 27 -27.11 6.26 4.16
CA THR A 27 -27.28 5.24 3.12
C THR A 27 -28.29 4.25 3.67
N LEU A 28 -28.91 3.45 2.79
CA LEU A 28 -29.93 2.49 3.23
C LEU A 28 -29.49 1.48 4.28
N TYR A 29 -28.23 1.04 4.20
CA TYR A 29 -27.71 0.08 5.16
C TYR A 29 -26.21 0.29 5.43
N PRO A 30 -25.70 -0.20 6.56
CA PRO A 30 -24.28 -0.04 6.89
C PRO A 30 -23.35 -0.46 5.74
N ILE A 31 -23.77 -1.44 4.94
CA ILE A 31 -22.95 -1.92 3.83
C ILE A 31 -22.99 -1.03 2.59
N VAL A 32 -23.82 0.00 2.60
CA VAL A 32 -23.87 0.92 1.47
C VAL A 32 -23.03 2.08 1.93
N PRO A 33 -21.89 2.31 1.27
CA PRO A 33 -21.01 3.40 1.66
C PRO A 33 -21.54 4.76 1.32
N ARG A 34 -21.16 5.72 2.14
CA ARG A 34 -21.51 7.10 1.90
C ARG A 34 -20.59 7.48 0.74
N LEU A 35 -21.05 8.40 -0.10
CA LEU A 35 -20.28 8.81 -1.26
C LEU A 35 -19.85 10.26 -1.22
N ALA A 36 -20.55 11.06 -0.43
CA ALA A 36 -20.26 12.48 -0.29
C ALA A 36 -18.78 12.79 -0.03
N GLY A 37 -18.20 13.61 -0.89
CA GLY A 37 -16.81 13.99 -0.70
C GLY A 37 -15.77 12.97 -1.08
N GLN A 38 -16.19 11.80 -1.57
CA GLN A 38 -15.23 10.78 -1.97
C GLN A 38 -14.51 11.39 -3.18
N HIS A 39 -13.23 11.09 -3.34
CA HIS A 39 -12.47 11.67 -4.44
C HIS A 39 -12.95 11.18 -5.80
N LYS A 40 -12.97 12.11 -6.75
CA LYS A 40 -13.43 11.84 -8.11
C LYS A 40 -12.81 10.60 -8.72
N SER A 41 -11.49 10.59 -8.83
CA SER A 41 -10.79 9.46 -9.41
C SER A 41 -11.17 8.16 -8.72
N TYR A 42 -11.38 8.20 -7.41
CA TYR A 42 -11.74 6.97 -6.73
C TYR A 42 -13.14 6.52 -7.17
N MET A 43 -14.11 7.42 -7.05
CA MET A 43 -15.49 7.14 -7.42
C MET A 43 -15.49 6.57 -8.81
N GLU A 44 -14.80 7.28 -9.69
CA GLU A 44 -14.70 6.91 -11.09
C GLU A 44 -14.13 5.52 -11.24
N ALA A 45 -13.05 5.23 -10.53
CA ALA A 45 -12.42 3.91 -10.61
C ALA A 45 -13.41 2.83 -10.17
N GLN A 46 -14.11 3.06 -9.06
CA GLN A 46 -15.06 2.07 -8.57
C GLN A 46 -16.18 1.83 -9.57
N LEU A 47 -16.83 2.89 -10.02
CA LEU A 47 -17.90 2.75 -10.98
C LEU A 47 -17.47 2.00 -12.23
N LYS A 48 -16.25 2.24 -12.70
CA LYS A 48 -15.76 1.55 -13.88
C LYS A 48 -15.47 0.09 -13.54
N ALA A 49 -14.99 -0.15 -12.32
CA ALA A 49 -14.69 -1.49 -11.86
C ALA A 49 -15.97 -2.31 -11.78
N TYR A 50 -17.03 -1.69 -11.28
CA TYR A 50 -18.32 -2.37 -11.17
C TYR A 50 -18.82 -2.66 -12.57
N LYS A 51 -18.68 -1.66 -13.44
CA LYS A 51 -19.14 -1.81 -14.81
C LYS A 51 -18.44 -2.96 -15.50
N ASP A 52 -17.11 -3.03 -15.43
CA ASP A 52 -16.40 -4.11 -16.08
C ASP A 52 -16.23 -5.32 -15.16
N HIS A 53 -16.99 -5.32 -14.07
CA HIS A 53 -16.97 -6.40 -13.09
C HIS A 53 -15.61 -6.67 -12.46
N SER A 54 -14.64 -5.78 -12.63
CA SER A 54 -13.33 -6.02 -12.02
C SER A 54 -13.49 -6.03 -10.48
N ARG A 55 -14.39 -5.21 -9.95
CA ARG A 55 -14.61 -5.27 -8.50
C ARG A 55 -15.76 -6.26 -8.39
N ALA A 56 -15.44 -7.45 -7.93
CA ALA A 56 -16.44 -8.50 -7.85
C ALA A 56 -16.78 -8.98 -6.44
N ASP A 57 -16.58 -8.16 -5.43
CA ASP A 57 -16.96 -8.62 -4.10
C ASP A 57 -18.49 -8.75 -4.11
N GLN A 58 -19.01 -9.65 -3.29
CA GLN A 58 -20.44 -9.92 -3.20
C GLN A 58 -21.41 -8.74 -3.29
N ASN A 59 -21.34 -7.80 -2.36
CA ASN A 59 -22.24 -6.66 -2.39
C ASN A 59 -22.12 -5.85 -3.66
N GLY A 60 -20.91 -5.83 -4.22
CA GLY A 60 -20.68 -5.10 -5.44
C GLY A 60 -21.40 -5.74 -6.61
N GLU A 61 -21.33 -7.06 -6.67
CA GLU A 61 -21.99 -7.79 -7.75
C GLU A 61 -23.49 -7.57 -7.64
N ILE A 62 -24.02 -7.80 -6.44
CA ILE A 62 -25.45 -7.68 -6.19
C ILE A 62 -26.06 -6.30 -6.30
N TYR A 63 -25.45 -5.30 -5.67
CA TYR A 63 -26.02 -3.95 -5.68
C TYR A 63 -25.39 -2.91 -6.59
N MET A 64 -24.30 -3.23 -7.26
CA MET A 64 -23.68 -2.24 -8.13
C MET A 64 -23.47 -2.65 -9.57
N TRP A 65 -23.30 -3.94 -9.83
CA TRP A 65 -23.10 -4.36 -11.22
C TRP A 65 -24.30 -3.93 -12.03
N PRO A 66 -25.50 -4.14 -11.50
CA PRO A 66 -26.71 -3.75 -12.23
C PRO A 66 -26.72 -2.29 -12.62
N VAL A 67 -26.71 -1.41 -11.63
CA VAL A 67 -26.74 0.01 -11.92
C VAL A 67 -25.53 0.49 -12.72
N ALA A 68 -24.36 -0.11 -12.51
CA ALA A 68 -23.16 0.30 -13.21
C ALA A 68 -23.26 -0.04 -14.69
N GLN A 69 -23.86 -1.19 -14.97
CA GLN A 69 -24.04 -1.67 -16.32
C GLN A 69 -24.73 -0.65 -17.22
N ALA A 70 -25.47 0.27 -16.61
CA ALA A 70 -26.18 1.28 -17.39
C ALA A 70 -25.48 2.62 -17.34
N LEU A 71 -24.18 2.61 -17.07
CA LEU A 71 -23.42 3.85 -17.00
C LEU A 71 -22.36 3.90 -18.08
N ASP A 72 -22.20 5.08 -18.68
CA ASP A 72 -21.21 5.30 -19.72
C ASP A 72 -20.09 6.15 -19.10
N SER A 73 -18.98 6.29 -19.82
CA SER A 73 -17.85 7.07 -19.31
C SER A 73 -18.30 8.45 -18.83
N ALA A 74 -19.15 9.09 -19.62
CA ALA A 74 -19.65 10.42 -19.31
C ALA A 74 -20.41 10.50 -17.98
N LYS A 75 -21.31 9.55 -17.76
CA LYS A 75 -22.08 9.54 -16.51
C LYS A 75 -21.19 9.19 -15.34
N ILE A 76 -20.35 8.17 -15.52
CA ILE A 76 -19.45 7.77 -14.46
C ILE A 76 -18.75 9.03 -13.97
N THR A 77 -18.16 9.76 -14.89
CA THR A 77 -17.45 10.99 -14.54
C THR A 77 -18.39 12.04 -13.93
N ALA A 78 -19.57 12.16 -14.52
CA ALA A 78 -20.55 13.13 -14.03
C ALA A 78 -20.89 12.82 -12.59
N LEU A 79 -21.20 11.56 -12.33
CA LEU A 79 -21.56 11.12 -11.00
C LEU A 79 -20.40 11.28 -10.04
N ALA A 80 -19.24 10.80 -10.45
CA ALA A 80 -18.04 10.90 -9.61
C ALA A 80 -17.90 12.34 -9.15
N ASP A 81 -18.07 13.26 -10.09
CA ASP A 81 -17.97 14.68 -9.81
C ASP A 81 -19.03 15.11 -8.80
N TYR A 82 -20.27 14.72 -9.08
CA TYR A 82 -21.40 15.07 -8.23
C TYR A 82 -21.21 14.71 -6.76
N PHE A 83 -20.99 13.44 -6.47
CA PHE A 83 -20.83 13.01 -5.09
C PHE A 83 -19.59 13.59 -4.44
N ASN A 84 -18.52 13.74 -5.22
CA ASN A 84 -17.27 14.30 -4.70
C ASN A 84 -17.55 15.69 -4.13
N ALA A 85 -18.44 16.42 -4.80
CA ALA A 85 -18.79 17.78 -4.37
C ALA A 85 -19.85 17.83 -3.28
N GLN A 86 -20.65 16.78 -3.15
CA GLN A 86 -21.70 16.74 -2.13
C GLN A 86 -21.28 17.29 -0.79
N LYS A 87 -22.22 17.97 -0.14
CA LYS A 87 -21.98 18.54 1.18
C LYS A 87 -23.21 18.23 2.02
N PRO A 88 -23.02 17.87 3.31
CA PRO A 88 -21.70 17.77 3.95
C PRO A 88 -21.04 16.46 3.55
N PRO A 89 -19.70 16.47 3.38
CA PRO A 89 -18.99 15.25 3.01
C PRO A 89 -19.33 14.17 4.02
N MET A 90 -19.16 12.90 3.67
CA MET A 90 -19.50 11.80 4.57
C MET A 90 -19.04 12.07 6.00
N GLN A 91 -19.98 11.99 6.92
CA GLN A 91 -19.71 12.25 8.33
C GLN A 91 -20.22 11.15 9.23
N SER A 92 -19.65 11.10 10.43
CA SER A 92 -20.10 10.12 11.39
C SER A 92 -21.59 10.34 11.59
N SER A 93 -22.32 9.26 11.78
CA SER A 93 -23.76 9.35 11.99
C SER A 93 -24.02 9.75 13.45
N GLY A 94 -23.03 9.48 14.30
CA GLY A 94 -23.16 9.78 15.71
C GLY A 94 -23.24 8.49 16.51
N ILE A 95 -23.47 7.39 15.80
CA ILE A 95 -23.56 6.08 16.44
C ILE A 95 -22.19 5.76 17.01
N LYS A 96 -22.13 5.46 18.30
CA LYS A 96 -20.88 5.15 18.96
C LYS A 96 -20.40 3.73 18.67
N HIS A 97 -19.14 3.63 18.24
CA HIS A 97 -18.53 2.33 17.97
C HIS A 97 -17.29 2.16 18.84
N ALA A 98 -17.24 1.07 19.59
CA ALA A 98 -16.11 0.80 20.48
C ALA A 98 -14.83 0.61 19.69
N GLY A 99 -13.71 0.99 20.29
CA GLY A 99 -12.41 0.83 19.65
C GLY A 99 -11.81 2.02 18.92
N ALA A 100 -12.45 3.19 18.97
CA ALA A 100 -11.93 4.37 18.29
C ALA A 100 -10.43 4.61 18.57
N LYS A 101 -10.06 4.61 19.85
CA LYS A 101 -8.66 4.79 20.25
C LYS A 101 -7.78 3.74 19.59
N GLU A 102 -8.19 2.49 19.72
CA GLU A 102 -7.47 1.38 19.13
C GLU A 102 -7.27 1.63 17.65
N GLY A 103 -8.39 1.89 16.96
CA GLY A 103 -8.35 2.13 15.54
C GLY A 103 -7.51 3.32 15.17
N LYS A 104 -7.48 4.34 16.03
CA LYS A 104 -6.69 5.52 15.72
C LYS A 104 -5.21 5.17 15.68
N ALA A 105 -4.77 4.42 16.70
CA ALA A 105 -3.37 4.01 16.78
C ALA A 105 -3.02 3.19 15.56
N ILE A 106 -3.94 2.30 15.17
CA ILE A 106 -3.73 1.45 14.00
C ILE A 106 -3.64 2.28 12.74
N PHE A 107 -4.62 3.16 12.56
CA PHE A 107 -4.63 3.97 11.36
C PHE A 107 -3.38 4.82 11.19
N ASN A 108 -2.98 5.49 12.26
CA ASN A 108 -1.82 6.38 12.21
C ASN A 108 -0.47 5.72 12.42
N GLN A 109 -0.42 4.72 13.29
CA GLN A 109 0.85 4.07 13.59
C GLN A 109 1.00 2.66 13.05
N GLY A 110 -0.11 2.02 12.72
CA GLY A 110 -0.05 0.66 12.23
C GLY A 110 0.39 -0.17 13.41
N VAL A 111 0.71 -1.45 13.17
CA VAL A 111 1.18 -2.34 14.22
C VAL A 111 2.36 -3.12 13.64
N THR A 112 3.56 -2.69 13.99
CA THR A 112 4.77 -3.31 13.48
C THR A 112 4.91 -4.81 13.58
N ASN A 113 4.88 -5.35 14.79
CA ASN A 113 5.05 -6.80 14.95
C ASN A 113 3.97 -7.64 14.27
N GLU A 114 2.86 -7.01 13.94
CA GLU A 114 1.77 -7.72 13.29
C GLU A 114 1.81 -7.42 11.80
N GLN A 115 2.79 -6.61 11.43
CA GLN A 115 2.99 -6.21 10.04
C GLN A 115 1.77 -5.55 9.43
N ILE A 116 1.12 -4.71 10.22
CA ILE A 116 -0.04 -3.96 9.76
C ILE A 116 0.47 -2.56 9.45
N PRO A 117 0.40 -2.16 8.17
CA PRO A 117 0.87 -0.85 7.71
C PRO A 117 0.10 0.29 8.33
N ALA A 118 0.77 1.43 8.48
CA ALA A 118 0.15 2.62 9.02
C ALA A 118 -0.74 3.13 7.87
N CYS A 119 -2.05 2.99 8.06
CA CYS A 119 -3.05 3.37 7.05
C CYS A 119 -2.89 4.77 6.50
N MET A 120 -2.56 5.71 7.37
CA MET A 120 -2.43 7.11 6.99
C MET A 120 -1.46 7.41 5.88
N GLU A 121 -0.46 6.54 5.69
CA GLU A 121 0.51 6.77 4.63
C GLU A 121 -0.18 6.86 3.28
N CYS A 122 -1.32 6.20 3.15
CA CYS A 122 -2.02 6.28 1.89
C CYS A 122 -3.34 6.98 1.97
N HIS A 123 -4.04 6.79 3.08
CA HIS A 123 -5.35 7.37 3.30
C HIS A 123 -5.30 8.75 3.94
N GLY A 124 -4.07 9.26 4.10
CA GLY A 124 -3.88 10.57 4.65
C GLY A 124 -3.89 10.62 6.16
N SER A 125 -3.33 11.72 6.67
CA SER A 125 -3.22 11.97 8.09
C SER A 125 -4.45 11.63 8.93
N ASP A 126 -5.63 11.82 8.37
CA ASP A 126 -6.86 11.52 9.10
C ASP A 126 -7.93 10.87 8.22
N GLY A 127 -7.51 9.95 7.37
CA GLY A 127 -8.45 9.25 6.52
C GLY A 127 -9.13 10.08 5.44
N GLN A 128 -8.55 11.21 5.08
CA GLN A 128 -9.18 12.03 4.05
C GLN A 128 -8.93 11.47 2.64
N GLY A 129 -7.91 10.62 2.54
CA GLY A 129 -7.59 10.03 1.26
C GLY A 129 -7.09 11.06 0.27
N ALA A 130 -6.95 10.65 -0.98
CA ALA A 130 -6.49 11.54 -2.03
C ALA A 130 -6.55 10.79 -3.34
N GLY A 131 -7.23 11.38 -4.32
CA GLY A 131 -7.34 10.76 -5.62
C GLY A 131 -7.78 9.31 -5.57
N PRO A 132 -6.96 8.39 -6.11
CA PRO A 132 -7.28 6.97 -6.13
C PRO A 132 -7.27 6.34 -4.74
N PHE A 133 -6.73 7.07 -3.76
CA PHE A 133 -6.72 6.58 -2.38
C PHE A 133 -7.96 7.19 -1.77
N PRO A 134 -8.99 6.37 -1.50
CA PRO A 134 -10.26 6.80 -0.93
C PRO A 134 -10.26 7.38 0.46
N ARG A 135 -11.20 8.30 0.65
CA ARG A 135 -11.38 8.93 1.94
C ARG A 135 -12.02 7.81 2.74
N LEU A 136 -11.64 7.68 4.00
CA LEU A 136 -12.23 6.66 4.84
C LEU A 136 -12.89 7.41 6.00
N ALA A 137 -12.45 8.63 6.23
CA ALA A 137 -12.99 9.46 7.30
C ALA A 137 -14.50 9.71 7.09
N GLY A 138 -15.31 9.25 8.02
CA GLY A 138 -16.75 9.48 7.89
C GLY A 138 -17.48 8.34 7.21
N GLN A 139 -16.74 7.37 6.69
CA GLN A 139 -17.35 6.24 6.04
C GLN A 139 -18.10 5.42 7.09
N ARG A 140 -19.09 4.67 6.66
CA ARG A 140 -19.90 3.85 7.58
C ARG A 140 -19.05 2.75 8.18
N TYR A 141 -19.33 2.46 9.44
CA TYR A 141 -18.63 1.46 10.21
C TYR A 141 -18.68 0.06 9.60
N GLY A 142 -19.89 -0.42 9.35
CA GLY A 142 -20.06 -1.73 8.77
C GLY A 142 -19.42 -1.76 7.41
N TYR A 143 -19.56 -0.69 6.64
CA TYR A 143 -18.99 -0.68 5.31
C TYR A 143 -17.48 -0.89 5.33
N ILE A 144 -16.80 -0.21 6.25
CA ILE A 144 -15.36 -0.34 6.35
C ILE A 144 -14.99 -1.78 6.70
N ILE A 145 -15.62 -2.31 7.73
CA ILE A 145 -15.38 -3.68 8.16
C ILE A 145 -15.64 -4.64 7.01
N GLN A 146 -16.71 -4.39 6.27
CA GLN A 146 -17.06 -5.25 5.14
C GLN A 146 -15.99 -5.22 4.07
N GLN A 147 -15.48 -4.04 3.78
CA GLN A 147 -14.46 -3.95 2.75
C GLN A 147 -13.14 -4.58 3.25
N LEU A 148 -12.80 -4.39 4.51
CA LEU A 148 -11.58 -4.98 5.02
C LEU A 148 -11.73 -6.51 4.94
N THR A 149 -12.94 -6.99 5.16
CA THR A 149 -13.21 -8.42 5.08
C THR A 149 -12.99 -8.89 3.65
N TYR A 150 -13.53 -8.12 2.69
CA TYR A 150 -13.40 -8.46 1.26
C TYR A 150 -11.93 -8.43 0.81
N PHE A 151 -11.18 -7.47 1.35
CA PHE A 151 -9.76 -7.34 1.01
C PHE A 151 -8.97 -8.47 1.65
N HIS A 152 -9.31 -8.78 2.89
CA HIS A 152 -8.65 -9.84 3.63
C HIS A 152 -9.01 -11.15 2.96
N ASN A 153 -10.25 -11.25 2.52
CA ASN A 153 -10.76 -12.43 1.81
C ASN A 153 -10.17 -12.60 0.44
N GLY A 154 -9.94 -11.48 -0.23
CA GLY A 154 -9.42 -11.52 -1.59
C GLY A 154 -10.60 -11.43 -2.55
N THR A 155 -11.82 -11.33 -2.01
CA THR A 155 -12.99 -11.24 -2.88
C THR A 155 -13.07 -9.86 -3.54
N ARG A 156 -12.50 -8.85 -2.87
CA ARG A 156 -12.42 -7.54 -3.49
C ARG A 156 -10.94 -7.53 -3.86
N VAL A 157 -10.67 -7.60 -5.15
CA VAL A 157 -9.30 -7.66 -5.64
C VAL A 157 -8.63 -6.32 -5.83
N ASN A 158 -7.54 -6.14 -5.10
CA ASN A 158 -6.73 -4.94 -5.16
C ASN A 158 -5.38 -5.33 -4.56
N THR A 159 -4.35 -5.31 -5.38
CA THR A 159 -3.02 -5.68 -4.94
C THR A 159 -2.64 -4.96 -3.65
N LEU A 160 -2.81 -3.65 -3.62
CA LEU A 160 -2.46 -2.87 -2.43
C LEU A 160 -3.19 -3.29 -1.17
N MET A 161 -4.51 -3.20 -1.21
CA MET A 161 -5.31 -3.57 -0.05
C MET A 161 -5.34 -5.05 0.27
N ASN A 162 -5.24 -5.90 -0.75
CA ASN A 162 -5.22 -7.32 -0.45
C ASN A 162 -3.97 -7.59 0.39
N GLN A 163 -2.87 -6.92 0.04
CA GLN A 163 -1.65 -7.10 0.79
C GLN A 163 -1.78 -6.43 2.16
N ILE A 164 -2.29 -5.21 2.19
CA ILE A 164 -2.47 -4.48 3.45
C ILE A 164 -3.39 -5.18 4.44
N ALA A 165 -4.46 -5.82 3.96
CA ALA A 165 -5.40 -6.46 4.85
C ALA A 165 -5.02 -7.87 5.30
N LYS A 166 -3.99 -8.42 4.68
CA LYS A 166 -3.52 -9.76 4.98
C LYS A 166 -3.48 -10.13 6.46
N ASN A 167 -2.93 -9.25 7.28
CA ASN A 167 -2.81 -9.53 8.70
C ASN A 167 -3.82 -8.87 9.62
N ILE A 168 -4.73 -8.09 9.08
CA ILE A 168 -5.71 -7.45 9.94
C ILE A 168 -6.72 -8.46 10.46
N THR A 169 -6.91 -8.48 11.77
CA THR A 169 -7.88 -9.38 12.37
C THR A 169 -9.25 -8.67 12.39
N VAL A 170 -10.30 -9.46 12.61
CA VAL A 170 -11.66 -8.92 12.67
C VAL A 170 -11.72 -7.87 13.77
N ALA A 171 -11.07 -8.16 14.90
CA ALA A 171 -11.07 -7.23 16.01
C ALA A 171 -10.48 -5.86 15.62
N GLN A 172 -9.34 -5.86 14.93
CA GLN A 172 -8.71 -4.62 14.50
C GLN A 172 -9.54 -3.93 13.42
N MET A 173 -10.16 -4.72 12.54
CA MET A 173 -11.01 -4.13 11.50
C MET A 173 -12.06 -3.27 12.17
N LYS A 174 -12.61 -3.78 13.27
CA LYS A 174 -13.63 -3.06 14.02
C LYS A 174 -13.07 -1.75 14.61
N ASP A 175 -11.85 -1.81 15.12
CA ASP A 175 -11.23 -0.62 15.69
C ASP A 175 -10.98 0.41 14.64
N VAL A 176 -10.30 0.04 13.57
CA VAL A 176 -10.06 1.02 12.53
C VAL A 176 -11.40 1.54 12.01
N ALA A 177 -12.40 0.68 11.89
CA ALA A 177 -13.71 1.11 11.42
C ALA A 177 -14.34 2.10 12.39
N ALA A 178 -14.33 1.74 13.68
CA ALA A 178 -14.89 2.62 14.69
C ALA A 178 -14.24 3.98 14.53
N TYR A 179 -12.91 4.00 14.58
CA TYR A 179 -12.19 5.26 14.43
C TYR A 179 -12.58 6.05 13.17
N LEU A 180 -12.38 5.44 12.01
CA LEU A 180 -12.69 6.10 10.74
C LEU A 180 -14.12 6.63 10.60
N SER A 181 -15.08 5.84 11.04
CA SER A 181 -16.49 6.24 10.93
C SER A 181 -16.86 7.34 11.90
N SER A 182 -15.98 7.62 12.85
CA SER A 182 -16.26 8.64 13.83
C SER A 182 -15.75 9.99 13.38
N LEU A 183 -14.96 10.00 12.30
CA LEU A 183 -14.40 11.24 11.79
C LEU A 183 -15.38 11.97 10.88
N SER B 13 22.16 -1.02 18.60
CA SER B 13 21.80 -0.79 17.16
C SER B 13 23.06 -0.80 16.34
N SER B 14 24.20 -0.64 16.99
CA SER B 14 25.41 -0.76 16.22
C SER B 14 25.34 -2.28 16.14
N ASP B 15 25.71 -2.83 14.99
CA ASP B 15 25.63 -4.26 14.70
C ASP B 15 24.92 -4.17 13.38
N CYS B 16 24.31 -3.00 13.15
CA CYS B 16 23.59 -2.68 11.94
C CYS B 16 24.41 -1.56 11.32
N MET B 17 24.53 -0.50 12.11
CA MET B 17 25.28 0.69 11.72
C MET B 17 26.59 0.27 11.08
N VAL B 18 27.20 -0.76 11.64
CA VAL B 18 28.46 -1.25 11.14
C VAL B 18 28.41 -1.45 9.62
N CYS B 19 27.27 -1.91 9.10
CA CYS B 19 27.14 -2.13 7.66
C CYS B 19 26.15 -1.26 6.94
N HIS B 20 25.01 -1.00 7.58
CA HIS B 20 23.99 -0.17 6.96
C HIS B 20 24.33 1.28 7.20
N GLY B 21 25.30 1.49 8.08
CA GLY B 21 25.77 2.83 8.42
C GLY B 21 24.87 3.65 9.32
N MET B 22 25.37 4.83 9.70
CA MET B 22 24.60 5.76 10.50
C MET B 22 24.12 6.79 9.51
N THR B 23 24.00 8.05 9.92
CA THR B 23 23.54 9.10 9.02
C THR B 23 24.34 9.11 7.71
N GLY B 24 25.36 8.26 7.63
CA GLY B 24 26.17 8.17 6.43
C GLY B 24 25.54 7.32 5.34
N ASP B 26 26.23 6.22 4.97
CA ASP B 26 25.75 5.32 3.94
C ASP B 26 26.04 3.87 4.34
N THR B 27 25.72 2.92 3.46
CA THR B 27 25.98 1.52 3.73
C THR B 27 27.39 1.22 3.20
N LEU B 28 28.04 0.22 3.78
CA LEU B 28 29.39 -0.15 3.39
C LEU B 28 29.52 -0.38 1.89
N TYR B 29 28.54 -1.08 1.31
CA TYR B 29 28.61 -1.37 -0.12
C TYR B 29 27.25 -1.38 -0.80
N PRO B 30 27.23 -1.14 -2.11
CA PRO B 30 25.99 -1.12 -2.89
C PRO B 30 25.04 -2.26 -2.57
N ILE B 31 25.57 -3.43 -2.22
CA ILE B 31 24.69 -4.55 -1.91
C ILE B 31 24.11 -4.49 -0.50
N VAL B 32 24.63 -3.59 0.32
CA VAL B 32 24.10 -3.44 1.67
C VAL B 32 23.11 -2.31 1.48
N PRO B 33 21.81 -2.62 1.62
CA PRO B 33 20.74 -1.63 1.45
C PRO B 33 20.60 -0.62 2.56
N ARG B 34 20.21 0.58 2.17
CA ARG B 34 19.96 1.63 3.14
C ARG B 34 18.64 1.20 3.78
N LEU B 35 18.47 1.53 5.07
CA LEU B 35 17.27 1.17 5.80
C LEU B 35 16.51 2.40 6.30
N ALA B 36 17.15 3.55 6.23
CA ALA B 36 16.54 4.80 6.71
C ALA B 36 15.16 5.08 6.10
N GLY B 37 14.16 5.08 6.96
CA GLY B 37 12.82 5.36 6.51
C GLY B 37 12.12 4.23 5.78
N GLN B 38 12.71 3.03 5.79
CA GLN B 38 12.05 1.91 5.13
C GLN B 38 10.80 1.63 5.95
N HIS B 39 9.76 1.16 5.29
CA HIS B 39 8.53 0.92 6.01
C HIS B 39 8.77 -0.12 7.10
N LYS B 40 8.33 0.23 8.30
CA LYS B 40 8.49 -0.59 9.49
C LYS B 40 7.92 -2.00 9.32
N SER B 41 6.71 -2.11 8.79
CA SER B 41 6.12 -3.42 8.59
C SER B 41 6.98 -4.28 7.68
N TYR B 42 7.54 -3.65 6.66
CA TYR B 42 8.39 -4.33 5.70
C TYR B 42 9.67 -4.80 6.37
N MET B 43 10.28 -3.93 7.16
CA MET B 43 11.52 -4.29 7.84
C MET B 43 11.30 -5.44 8.80
N GLU B 44 10.17 -5.41 9.51
CA GLU B 44 9.82 -6.46 10.45
C GLU B 44 9.77 -7.77 9.72
N ALA B 45 9.13 -7.75 8.55
CA ALA B 45 8.99 -8.95 7.74
C ALA B 45 10.35 -9.45 7.27
N GLN B 46 11.19 -8.57 6.77
CA GLN B 46 12.50 -9.02 6.29
C GLN B 46 13.30 -9.63 7.43
N LEU B 47 13.38 -8.92 8.55
CA LEU B 47 14.13 -9.42 9.70
C LEU B 47 13.59 -10.81 10.09
N LYS B 48 12.28 -10.94 10.23
CA LYS B 48 11.69 -12.22 10.58
C LYS B 48 11.99 -13.26 9.49
N ALA B 49 12.00 -12.81 8.25
CA ALA B 49 12.28 -13.69 7.13
C ALA B 49 13.72 -14.20 7.19
N TYR B 50 14.65 -13.33 7.59
CA TYR B 50 16.04 -13.75 7.68
C TYR B 50 16.17 -14.70 8.86
N LYS B 51 15.40 -14.43 9.92
CA LYS B 51 15.43 -15.26 11.10
C LYS B 51 14.90 -16.68 10.84
N ASP B 52 13.74 -16.81 10.19
CA ASP B 52 13.22 -18.15 9.91
C ASP B 52 13.76 -18.66 8.57
N HIS B 53 14.71 -17.93 8.03
CA HIS B 53 15.37 -18.31 6.78
C HIS B 53 14.51 -18.35 5.53
N SER B 54 13.28 -17.83 5.60
CA SER B 54 12.42 -17.80 4.43
C SER B 54 13.03 -16.86 3.37
N ARG B 55 13.82 -15.89 3.81
CA ARG B 55 14.50 -15.02 2.86
C ARG B 55 15.83 -15.69 2.78
N ALA B 56 16.07 -16.44 1.70
CA ALA B 56 17.32 -17.15 1.61
C ALA B 56 18.17 -16.77 0.40
N ASP B 57 17.93 -15.61 -0.19
CA ASP B 57 18.78 -15.24 -1.30
C ASP B 57 20.19 -15.24 -0.74
N GLN B 58 21.17 -15.43 -1.61
CA GLN B 58 22.57 -15.52 -1.23
C GLN B 58 23.07 -14.46 -0.26
N ASN B 59 22.90 -13.18 -0.59
CA ASN B 59 23.38 -12.14 0.32
C ASN B 59 22.65 -12.13 1.64
N GLY B 60 21.41 -12.62 1.63
CA GLY B 60 20.64 -12.67 2.86
C GLY B 60 21.20 -13.70 3.82
N GLU B 61 21.42 -14.90 3.32
CA GLU B 61 21.97 -15.95 4.16
C GLU B 61 23.36 -15.57 4.64
N ILE B 62 24.15 -14.96 3.76
CA ILE B 62 25.51 -14.55 4.11
C ILE B 62 25.62 -13.47 5.17
N TYR B 63 24.94 -12.35 4.97
CA TYR B 63 25.07 -11.26 5.91
C TYR B 63 23.98 -11.09 6.96
N MET B 64 22.74 -11.43 6.62
CA MET B 64 21.67 -11.24 7.58
C MET B 64 21.29 -12.43 8.44
N TRP B 65 21.39 -13.65 7.91
CA TRP B 65 21.05 -14.80 8.73
C TRP B 65 21.81 -14.77 10.04
N PRO B 66 23.13 -14.47 10.00
CA PRO B 66 23.89 -14.41 11.25
C PRO B 66 23.33 -13.41 12.26
N VAL B 67 23.16 -12.15 11.86
CA VAL B 67 22.63 -11.15 12.79
C VAL B 67 21.20 -11.46 13.21
N ALA B 68 20.40 -11.92 12.25
CA ALA B 68 19.00 -12.23 12.50
C ALA B 68 18.83 -13.31 13.56
N GLN B 69 19.61 -14.37 13.46
CA GLN B 69 19.52 -15.46 14.41
C GLN B 69 19.64 -14.95 15.85
N ALA B 70 20.35 -13.84 16.02
CA ALA B 70 20.56 -13.26 17.35
C ALA B 70 19.41 -12.37 17.83
N LEU B 71 18.50 -12.00 16.93
CA LEU B 71 17.38 -11.13 17.28
C LEU B 71 16.12 -11.88 17.72
N ASP B 72 15.46 -11.36 18.75
CA ASP B 72 14.20 -11.95 19.24
C ASP B 72 13.07 -11.04 18.75
N SER B 73 11.85 -11.56 18.71
CA SER B 73 10.70 -10.78 18.26
C SER B 73 10.73 -9.31 18.70
N ALA B 74 11.06 -9.08 19.97
CA ALA B 74 11.12 -7.72 20.49
C ALA B 74 12.14 -6.85 19.77
N LYS B 75 13.34 -7.38 19.59
CA LYS B 75 14.42 -6.66 18.93
C LYS B 75 14.07 -6.32 17.49
N ILE B 76 13.57 -7.32 16.78
CA ILE B 76 13.19 -7.13 15.39
C ILE B 76 12.23 -5.96 15.25
N THR B 77 11.32 -5.83 16.19
CA THR B 77 10.35 -4.75 16.15
C THR B 77 10.99 -3.41 16.47
N ALA B 78 11.86 -3.42 17.48
CA ALA B 78 12.51 -2.18 17.87
C ALA B 78 13.40 -1.69 16.74
N LEU B 79 14.05 -2.60 16.05
CA LEU B 79 14.94 -2.21 14.96
C LEU B 79 14.13 -1.69 13.79
N ALA B 80 13.13 -2.45 13.34
CA ALA B 80 12.29 -2.01 12.23
C ALA B 80 11.78 -0.61 12.49
N ASP B 81 11.29 -0.38 13.71
CA ASP B 81 10.78 0.92 14.12
C ASP B 81 11.89 1.96 14.08
N TYR B 82 13.08 1.58 14.55
CA TYR B 82 14.20 2.51 14.58
C TYR B 82 14.61 3.06 13.21
N PHE B 83 14.88 2.18 12.26
CA PHE B 83 15.29 2.67 10.94
C PHE B 83 14.15 3.35 10.21
N ASN B 84 12.95 2.83 10.43
CA ASN B 84 11.75 3.41 9.80
C ASN B 84 11.69 4.87 10.17
N ALA B 85 12.00 5.17 11.44
CA ALA B 85 11.98 6.55 11.92
C ALA B 85 13.13 7.41 11.40
N GLN B 86 14.27 6.79 11.11
CA GLN B 86 15.42 7.54 10.62
C GLN B 86 15.06 8.48 9.46
N LYS B 87 15.57 9.70 9.53
CA LYS B 87 15.32 10.68 8.48
C LYS B 87 16.58 11.52 8.25
N PRO B 88 16.73 12.07 7.05
CA PRO B 88 15.75 11.88 5.97
C PRO B 88 15.83 10.43 5.51
N PRO B 89 14.82 9.97 4.77
CA PRO B 89 14.86 8.58 4.28
C PRO B 89 16.07 8.32 3.41
N MET B 90 16.32 7.05 3.15
CA MET B 90 17.42 6.64 2.30
C MET B 90 17.48 7.57 1.08
N GLN B 91 18.63 8.19 0.86
CA GLN B 91 18.82 9.10 -0.26
C GLN B 91 19.96 8.71 -1.18
N SER B 92 19.85 9.12 -2.43
CA SER B 92 20.85 8.82 -3.45
C SER B 92 22.25 9.23 -3.04
N SER B 93 22.34 10.36 -2.32
CA SER B 93 23.61 10.89 -1.85
C SER B 93 24.73 10.79 -2.88
N GLY B 94 24.39 11.10 -4.14
CA GLY B 94 25.36 11.02 -5.21
C GLY B 94 24.66 10.59 -6.50
N ILE B 95 25.42 10.19 -7.51
CA ILE B 95 24.81 9.76 -8.77
C ILE B 95 25.61 8.58 -9.31
N LYS B 96 26.20 8.78 -10.48
CA LYS B 96 27.02 7.77 -11.15
C LYS B 96 26.20 6.61 -11.71
N HIS B 97 24.98 6.91 -12.15
CA HIS B 97 24.10 5.89 -12.72
C HIS B 97 23.30 6.44 -13.89
N ALA B 98 23.61 5.95 -15.09
CA ALA B 98 22.93 6.41 -16.29
C ALA B 98 21.67 5.61 -16.55
N GLY B 99 20.76 6.18 -17.33
CA GLY B 99 19.52 5.49 -17.64
C GLY B 99 18.37 5.88 -16.74
N ALA B 100 18.54 6.95 -15.97
CA ALA B 100 17.50 7.41 -15.08
C ALA B 100 16.21 7.66 -15.87
N LYS B 101 16.38 8.14 -17.10
CA LYS B 101 15.25 8.45 -17.96
C LYS B 101 14.46 7.19 -18.34
N GLU B 102 15.16 6.17 -18.82
CA GLU B 102 14.48 4.93 -19.20
C GLU B 102 13.85 4.34 -17.94
N GLY B 103 14.65 4.28 -16.87
CA GLY B 103 14.18 3.75 -15.60
C GLY B 103 12.85 4.36 -15.17
N LYS B 104 12.74 5.68 -15.26
CA LYS B 104 11.50 6.36 -14.87
C LYS B 104 10.35 5.84 -15.71
N ALA B 105 10.62 5.61 -16.99
CA ALA B 105 9.61 5.10 -17.91
C ALA B 105 9.14 3.73 -17.45
N ILE B 106 10.08 2.83 -17.21
CA ILE B 106 9.73 1.50 -16.74
C ILE B 106 8.92 1.65 -15.45
N PHE B 107 9.43 2.43 -14.52
CA PHE B 107 8.76 2.62 -13.24
C PHE B 107 7.33 3.14 -13.32
N ASN B 108 7.06 3.97 -14.32
CA ASN B 108 5.74 4.55 -14.50
C ASN B 108 4.86 3.90 -15.55
N GLN B 109 5.49 3.26 -16.54
CA GLN B 109 4.72 2.65 -17.61
C GLN B 109 4.91 1.16 -17.63
N GLY B 110 5.90 0.68 -16.88
CA GLY B 110 6.18 -0.73 -16.86
C GLY B 110 6.79 -1.04 -18.20
N VAL B 111 6.81 -2.32 -18.58
CA VAL B 111 7.37 -2.67 -19.87
C VAL B 111 6.25 -3.06 -20.81
N THR B 112 5.88 -2.07 -21.62
CA THR B 112 4.85 -2.17 -22.64
C THR B 112 4.32 -3.59 -22.83
N ASN B 113 5.16 -4.43 -23.42
CA ASN B 113 4.84 -5.81 -23.70
C ASN B 113 5.19 -6.71 -22.53
N GLU B 114 6.49 -6.98 -22.35
CA GLU B 114 7.07 -7.84 -21.30
C GLU B 114 6.24 -8.30 -20.09
N GLN B 115 5.01 -7.82 -20.00
CA GLN B 115 4.12 -8.19 -18.91
C GLN B 115 4.59 -7.60 -17.59
N ILE B 116 5.47 -6.62 -17.67
CA ILE B 116 5.97 -5.96 -16.45
C ILE B 116 5.12 -4.73 -16.20
N PRO B 117 4.35 -4.73 -15.09
CA PRO B 117 3.49 -3.59 -14.77
C PRO B 117 4.32 -2.43 -14.26
N ALA B 118 3.76 -1.23 -14.31
CA ALA B 118 4.44 -0.04 -13.84
C ALA B 118 4.72 -0.22 -12.34
N CYS B 119 6.00 -0.19 -11.97
CA CYS B 119 6.40 -0.35 -10.57
C CYS B 119 5.57 0.49 -9.64
N MET B 120 5.31 1.71 -10.08
CA MET B 120 4.55 2.65 -9.29
C MET B 120 3.23 2.16 -8.73
N GLU B 121 2.62 1.16 -9.36
CA GLU B 121 1.34 0.65 -8.90
C GLU B 121 1.40 0.12 -7.49
N CYS B 122 2.59 -0.31 -7.08
CA CYS B 122 2.75 -0.82 -5.74
C CYS B 122 3.79 -0.08 -4.94
N HIS B 123 4.81 0.45 -5.60
CA HIS B 123 5.86 1.17 -4.90
C HIS B 123 5.63 2.66 -4.74
N GLY B 124 4.52 3.16 -5.28
CA GLY B 124 4.22 4.56 -5.15
C GLY B 124 4.61 5.37 -6.38
N SER B 125 3.94 6.50 -6.56
CA SER B 125 4.17 7.37 -7.70
C SER B 125 5.64 7.75 -7.81
N ASP B 126 6.31 7.79 -6.66
CA ASP B 126 7.73 8.15 -6.57
C ASP B 126 8.57 6.99 -6.03
N GLY B 127 7.97 5.83 -5.81
CA GLY B 127 8.75 4.73 -5.24
C GLY B 127 8.88 4.89 -3.73
N GLN B 128 7.95 5.62 -3.13
CA GLN B 128 8.01 5.81 -1.68
C GLN B 128 7.49 4.58 -0.95
N GLY B 129 6.82 3.69 -1.68
CA GLY B 129 6.29 2.48 -1.07
C GLY B 129 5.35 2.71 0.09
N ALA B 130 5.00 1.63 0.78
CA ALA B 130 4.11 1.67 1.93
C ALA B 130 3.84 0.28 2.49
N GLY B 131 3.97 0.15 3.81
CA GLY B 131 3.72 -1.10 4.47
C GLY B 131 4.56 -2.22 3.90
N PRO B 132 3.94 -3.24 3.29
CA PRO B 132 4.62 -4.40 2.70
C PRO B 132 5.27 -4.08 1.36
N PHE B 133 4.98 -2.91 0.81
CA PHE B 133 5.56 -2.51 -0.47
C PHE B 133 6.66 -1.56 -0.08
N PRO B 134 7.91 -2.04 -0.09
CA PRO B 134 9.06 -1.21 0.28
C PRO B 134 9.33 0.03 -0.52
N ARG B 135 9.83 1.04 0.18
CA ARG B 135 10.24 2.28 -0.44
C ARG B 135 11.43 1.83 -1.30
N LEU B 136 11.52 2.34 -2.52
CA LEU B 136 12.61 2.00 -3.42
C LEU B 136 13.40 3.26 -3.72
N ALA B 137 12.72 4.40 -3.56
CA ALA B 137 13.32 5.70 -3.82
C ALA B 137 14.53 5.95 -2.92
N GLY B 138 15.65 6.29 -3.54
CA GLY B 138 16.84 6.57 -2.75
C GLY B 138 17.57 5.34 -2.26
N GLN B 139 17.15 4.17 -2.72
CA GLN B 139 17.78 2.92 -2.34
C GLN B 139 19.00 2.75 -3.24
N ARG B 140 19.95 1.94 -2.80
CA ARG B 140 21.17 1.68 -3.55
C ARG B 140 20.91 1.02 -4.88
N TYR B 141 21.48 1.63 -5.91
CA TYR B 141 21.38 1.16 -7.28
C TYR B 141 21.81 -0.29 -7.36
N GLY B 142 22.90 -0.62 -6.68
CA GLY B 142 23.41 -1.97 -6.70
C GLY B 142 22.46 -2.94 -6.01
N TYR B 143 21.92 -2.50 -4.88
CA TYR B 143 21.01 -3.33 -4.11
C TYR B 143 19.77 -3.66 -4.92
N ILE B 144 19.17 -2.64 -5.53
CA ILE B 144 17.97 -2.81 -6.34
C ILE B 144 18.24 -3.86 -7.41
N ILE B 145 19.37 -3.72 -8.10
CA ILE B 145 19.72 -4.66 -9.14
C ILE B 145 19.88 -6.06 -8.56
N GLN B 146 20.53 -6.12 -7.42
CA GLN B 146 20.76 -7.39 -6.74
C GLN B 146 19.45 -8.05 -6.41
N GLN B 147 18.53 -7.27 -5.83
CA GLN B 147 17.22 -7.81 -5.46
C GLN B 147 16.40 -8.19 -6.68
N LEU B 148 16.43 -7.35 -7.70
CA LEU B 148 15.69 -7.65 -8.91
C LEU B 148 16.26 -8.94 -9.50
N THR B 149 17.56 -9.13 -9.34
CA THR B 149 18.21 -10.34 -9.84
C THR B 149 17.70 -11.55 -9.08
N TYR B 150 17.64 -11.46 -7.76
CA TYR B 150 17.13 -12.55 -6.93
C TYR B 150 15.70 -12.89 -7.28
N PHE B 151 14.87 -11.87 -7.42
CA PHE B 151 13.47 -12.10 -7.76
C PHE B 151 13.37 -12.76 -9.11
N HIS B 152 14.29 -12.40 -9.99
CA HIS B 152 14.31 -12.96 -11.33
C HIS B 152 14.76 -14.42 -11.33
N ASN B 153 15.86 -14.73 -10.65
CA ASN B 153 16.35 -16.11 -10.60
C ASN B 153 15.62 -16.89 -9.51
N GLY B 154 14.66 -16.24 -8.88
CA GLY B 154 13.86 -16.87 -7.86
C GLY B 154 14.54 -17.29 -6.58
N THR B 155 15.75 -16.83 -6.33
CA THR B 155 16.43 -17.21 -5.09
C THR B 155 15.83 -16.42 -3.92
N ARG B 156 15.14 -15.33 -4.24
CA ARG B 156 14.43 -14.56 -3.22
C ARG B 156 13.01 -14.74 -3.69
N VAL B 157 12.14 -15.24 -2.82
CA VAL B 157 10.78 -15.50 -3.25
C VAL B 157 9.71 -14.58 -2.73
N ASN B 158 8.84 -14.18 -3.65
CA ASN B 158 7.69 -13.33 -3.37
C ASN B 158 6.75 -13.46 -4.55
N THR B 159 5.54 -13.92 -4.26
CA THR B 159 4.50 -14.11 -5.27
C THR B 159 4.45 -12.97 -6.28
N LEU B 160 4.41 -11.76 -5.77
CA LEU B 160 4.34 -10.56 -6.58
C LEU B 160 5.61 -10.19 -7.38
N MET B 161 6.76 -10.14 -6.70
CA MET B 161 8.00 -9.77 -7.39
C MET B 161 8.58 -10.81 -8.32
N ASN B 162 8.38 -12.08 -8.00
CA ASN B 162 8.88 -13.12 -8.88
C ASN B 162 8.16 -12.94 -10.22
N GLN B 163 6.86 -12.65 -10.14
CA GLN B 163 6.06 -12.43 -11.32
C GLN B 163 6.55 -11.20 -12.04
N ILE B 164 6.77 -10.14 -11.27
CA ILE B 164 7.25 -8.88 -11.82
C ILE B 164 8.63 -9.05 -12.44
N ALA B 165 9.55 -9.64 -11.68
CA ALA B 165 10.93 -9.83 -12.15
C ALA B 165 11.13 -10.95 -13.19
N LYS B 166 10.16 -11.85 -13.28
CA LYS B 166 10.23 -12.97 -14.22
C LYS B 166 10.89 -12.71 -15.57
N ASN B 167 10.41 -11.69 -16.29
CA ASN B 167 10.93 -11.39 -17.62
C ASN B 167 11.77 -10.14 -17.74
N ILE B 168 12.00 -9.45 -16.63
CA ILE B 168 12.81 -8.25 -16.70
C ILE B 168 14.23 -8.63 -17.12
N THR B 169 14.88 -7.75 -17.85
CA THR B 169 16.23 -7.99 -18.32
C THR B 169 17.20 -7.16 -17.48
N VAL B 170 18.48 -7.56 -17.46
CA VAL B 170 19.49 -6.84 -16.70
C VAL B 170 19.56 -5.37 -17.11
N ALA B 171 19.39 -5.12 -18.40
CA ALA B 171 19.43 -3.76 -18.90
C ALA B 171 18.30 -2.96 -18.25
N GLN B 172 17.13 -3.58 -18.15
CA GLN B 172 15.97 -2.94 -17.54
C GLN B 172 16.16 -2.80 -16.04
N MET B 173 16.77 -3.81 -15.41
CA MET B 173 17.02 -3.76 -13.98
C MET B 173 17.86 -2.55 -13.61
N LYS B 174 18.83 -2.27 -14.47
CA LYS B 174 19.76 -1.16 -14.27
C LYS B 174 19.13 0.20 -14.48
N ASP B 175 18.29 0.32 -15.52
CA ASP B 175 17.66 1.60 -15.78
C ASP B 175 16.71 1.99 -14.66
N VAL B 176 15.87 1.05 -14.22
CA VAL B 176 14.93 1.35 -13.15
C VAL B 176 15.69 1.55 -11.85
N ALA B 177 16.81 0.83 -11.69
CA ALA B 177 17.62 0.96 -10.49
C ALA B 177 18.26 2.35 -10.52
N ALA B 178 18.64 2.80 -11.71
CA ALA B 178 19.26 4.11 -11.91
C ALA B 178 18.24 5.16 -11.52
N TYR B 179 17.05 5.05 -12.09
CA TYR B 179 16.00 6.01 -11.77
C TYR B 179 15.71 6.03 -10.26
N LEU B 180 15.38 4.87 -9.73
CA LEU B 180 15.05 4.74 -8.32
C LEU B 180 16.12 5.27 -7.38
N SER B 181 17.37 4.89 -7.63
CA SER B 181 18.46 5.33 -6.77
C SER B 181 18.65 6.84 -6.79
N SER B 182 18.22 7.49 -7.87
CA SER B 182 18.39 8.94 -7.97
C SER B 182 17.35 9.75 -7.17
N LEU B 183 16.28 9.11 -6.74
CA LEU B 183 15.24 9.80 -5.98
C LEU B 183 15.63 10.00 -4.52
CHA HEM C . -9.18 1.26 0.03
CHB HEM C . -8.68 0.45 4.72
CHC HEM C . -3.92 0.97 4.24
CHD HEM C . -4.44 1.84 -0.40
C1A HEM C . -9.47 0.99 1.37
C2A HEM C . -10.80 0.75 1.89
C3A HEM C . -10.68 0.52 3.21
C4A HEM C . -9.25 0.63 3.50
CMA HEM C . -11.73 0.21 4.23
CAA HEM C . -12.04 0.74 1.07
CBA HEM C . -12.64 2.12 0.87
CGA HEM C . -13.89 2.12 0.27
O1A HEM C . -14.48 3.25 0.25
O2A HEM C . -14.42 1.13 -0.25
C1B HEM C . -7.33 0.52 4.99
C2B HEM C . -6.77 0.28 6.29
C3B HEM C . -5.42 0.40 6.13
C4B HEM C . -5.18 0.75 4.76
CMB HEM C . -7.59 -0.07 7.51
CAB HEM C . -4.33 0.20 7.11
CBB HEM C . -4.39 -1.16 7.87
C1C HEM C . -3.63 1.27 2.95
C2C HEM C . -2.31 1.49 2.43
C3C HEM C . -2.50 1.71 1.10
C4C HEM C . -3.88 1.65 0.84
CMC HEM C . -1.06 1.43 3.27
CAC HEM C . -1.45 1.97 -0.02
CBC HEM C . -0.31 0.90 -0.07
C1D HEM C . -5.79 1.77 -0.71
C2D HEM C . -6.32 1.95 -2.05
C3D HEM C . -7.63 1.77 -1.93
C4D HEM C . -7.92 1.50 -0.50
CMD HEM C . -5.48 2.24 -3.27
CAD HEM C . -8.70 1.82 -2.99
CBD HEM C . -8.71 0.46 -3.81
CGD HEM C . -9.40 0.54 -5.04
O1D HEM C . -8.91 1.21 -6.02
O2D HEM C . -10.50 -0.05 -5.19
NA HEM C . -8.54 0.91 2.34
NB HEM C . -6.35 0.79 4.05
NC HEM C . -4.60 1.38 1.95
ND HEM C . -6.77 1.50 0.22
FE HEM C . -6.55 1.17 2.15
CHA HEM D . -20.92 1.13 -3.55
CHB HEM D . -21.72 4.53 -6.85
CHC HEM D . -26.37 3.23 -7.00
CHD HEM D . -25.59 -0.05 -3.65
C1A HEM D . -20.71 2.18 -4.45
C2A HEM D . -19.44 2.82 -4.73
C3A HEM D . -19.67 3.79 -5.65
C4A HEM D . -21.09 3.72 -5.94
CMA HEM D . -18.71 4.75 -6.31
CAA HEM D . -18.12 2.45 -4.09
CBA HEM D . -17.79 3.33 -2.86
CGA HEM D . -16.58 3.00 -2.20
O1A HEM D . -16.39 3.61 -1.08
O2A HEM D . -15.74 2.19 -2.63
C1B HEM D . -23.07 4.47 -7.17
C2B HEM D . -23.67 5.30 -8.18
C3B HEM D . -24.98 4.92 -8.25
C4B HEM D . -25.16 3.88 -7.26
CMB HEM D . -22.91 6.35 -8.97
CAB HEM D . -26.08 5.43 -9.15
CBB HEM D . -25.82 5.22 -10.67
C1C HEM D . -26.57 2.24 -6.10
C2C HEM D . -27.83 1.59 -5.86
C3C HEM D . -27.59 0.65 -4.91
C4C HEM D . -26.22 0.74 -4.57
CMC HEM D . -29.10 1.95 -6.59
CAC HEM D . -28.55 -0.37 -4.28
CBC HEM D . -29.26 -1.30 -5.31
C1D HEM D . -24.25 -0.02 -3.32
C2D HEM D . -23.64 -0.93 -2.36
C3D HEM D . -22.34 -0.60 -2.36
C4D HEM D . -22.15 0.51 -3.29
CMD HEM D . -24.39 -1.98 -1.59
CAD HEM D . -21.21 -1.23 -1.61
CBD HEM D . -20.92 -2.60 -2.44
CGD HEM D . -19.66 -3.17 -2.30
O1D HEM D . -19.26 -3.52 -1.18
O2D HEM D . -18.91 -3.38 -3.31
NA HEM D . -21.70 2.74 -5.19
NB HEM D . -23.97 3.59 -6.61
NC HEM D . -25.58 1.70 -5.28
ND HEM D . -23.33 0.83 -3.87
FE HEM D . -23.66 2.23 -5.20
S SO4 E . -7.22 -3.42 22.52
O1 SO4 E . -7.36 -4.89 22.55
O2 SO4 E . -8.51 -2.78 22.77
O3 SO4 E . -6.24 -3.00 23.54
O4 SO4 E . -6.76 -3.03 21.17
ZN ZN F . -10.99 15.03 -5.50
ZN ZN G . -22.31 4.05 11.00
ZN ZN H . -7.78 -14.74 7.69
C1 GOL I . 1.86 6.93 -1.76
O1 GOL I . 0.69 7.93 -1.31
C2 GOL I . 1.85 6.14 -2.93
O2 GOL I . 1.87 6.90 -4.05
C3 GOL I . 1.81 4.97 -2.63
O3 GOL I . 1.76 3.68 -1.79
CHA HEM J . 9.96 -5.46 -3.37
CHB HEM J . 11.58 -3.54 -7.46
CHC HEM J . 7.11 -3.67 -9.28
CHD HEM J . 5.53 -5.54 -5.19
C1A HEM J . 10.82 -4.91 -4.33
C2A HEM J . 12.22 -4.73 -4.17
C3A HEM J . 12.70 -4.18 -5.32
C4A HEM J . 11.54 -4.03 -6.19
CMA HEM J . 14.11 -3.78 -5.69
CAA HEM J . 13.01 -5.09 -2.95
CBA HEM J . 13.27 -3.92 -2.01
CGA HEM J . 14.06 -4.25 -0.93
O1A HEM J . 14.07 -3.39 0.01
O2A HEM J . 14.69 -5.30 -0.82
C1B HEM J . 10.50 -3.41 -8.30
C2B HEM J . 10.61 -2.92 -9.65
C3B HEM J . 9.35 -2.99 -10.18
C4B HEM J . 8.49 -3.48 -9.14
CMB HEM J . 11.91 -2.47 -10.30
CAB HEM J . 8.89 -2.65 -11.56
CBB HEM J . 9.63 -3.41 -12.68
C1C HEM J . 6.28 -4.18 -8.33
C2C HEM J . 4.85 -4.39 -8.50
C3C HEM J . 4.45 -4.93 -7.33
C4C HEM J . 5.58 -5.03 -6.47
CMC HEM J . 4.07 -4.05 -9.76
CAC HEM J . 3.04 -5.42 -6.91
CBC HEM J . 2.36 -6.40 -7.93
C1D HEM J . 6.59 -5.68 -4.32
C2D HEM J . 6.47 -6.26 -2.99
C3D HEM J . 7.71 -6.23 -2.48
C4D HEM J . 8.59 -5.65 -3.51
CMD HEM J . 5.18 -6.74 -2.41
CAD HEM J . 8.22 -6.72 -1.13
CBD HEM J . 8.33 -8.31 -1.16
CGD HEM J . 8.98 -8.89 -0.05
O1D HEM J . 8.55 -8.67 1.12
O2D HEM J . 9.97 -9.66 -0.20
NA HEM J . 10.41 -4.49 -5.56
NB HEM J . 9.21 -3.76 -8.00
NC HEM J . 6.71 -4.58 -7.06
ND HEM J . 7.89 -5.32 -4.62
FE HEM J . 8.56 -4.51 -6.30
CHA HEM K . 19.67 -6.35 4.43
CHB HEM K . 18.48 -5.24 8.95
CHC HEM K . 23.08 -5.86 10.27
CHD HEM K . 24.28 -6.85 5.76
C1A HEM K . 18.91 -5.98 5.55
C2A HEM K . 17.49 -5.75 5.56
C3A HEM K . 17.15 -5.43 6.83
C4A HEM K . 18.39 -5.48 7.59
CMA HEM K . 15.79 -5.10 7.39
CAA HEM K . 16.59 -5.85 4.37
CBA HEM K . 16.22 -4.48 3.76
CGA HEM K . 15.48 -4.56 2.57
O1A HEM K . 15.49 -3.49 1.85
O2A HEM K . 14.84 -5.56 2.21
C1B HEM K . 19.65 -5.32 9.70
C2B HEM K . 19.68 -5.09 11.12
C3B HEM K . 20.98 -5.28 11.50
C4B HEM K . 21.71 -5.60 10.30
CMB HEM K . 18.48 -4.73 11.94
CAB HEM K . 21.59 -5.20 12.87
CBB HEM K . 21.09 -6.30 13.85
C1C HEM K . 23.82 -6.18 9.17
C2C HEM K . 25.24 -6.44 9.17
C3C HEM K . 25.57 -6.72 7.88
C4C HEM K . 24.35 -6.62 7.12
CMC HEM K . 26.13 -6.40 10.40
CAC HEM K . 26.94 -7.10 7.29
CBC HEM K . 27.50 -8.42 7.89
C1D HEM K . 23.12 -6.80 5.00
C2D HEM K . 23.10 -7.10 3.58
C3D HEM K . 21.80 -6.97 3.22
C4D HEM K . 21.04 -6.58 4.41
CMD HEM K . 24.31 -7.46 2.77
CAD HEM K . 21.15 -7.21 1.89
CBD HEM K . 20.89 -8.81 1.90
CGD HEM K . 20.06 -9.34 0.92
O1D HEM K . 20.15 -8.97 -0.29
O2D HEM K . 19.22 -10.23 1.23
NA HEM K . 19.45 -5.82 6.79
NB HEM K . 20.89 -5.63 9.19
NC HEM K . 23.28 -6.28 7.89
ND HEM K . 21.87 -6.48 5.48
FE HEM K . 21.37 -6.02 7.33
S SO4 L . 4.61 1.05 7.51
O1 SO4 L . 5.74 1.95 7.85
O2 SO4 L . 5.09 -0.35 7.41
O3 SO4 L . 3.60 1.17 8.56
O4 SO4 L . 4.06 1.45 6.21
ZN ZN M . 5.84 3.35 6.20
ZN ZN N . 17.18 -15.00 -16.62
ZN ZN O . 24.15 4.38 -4.88
#